data_8CZN
#
_entry.id   8CZN
#
_cell.length_a   118.439
_cell.length_b   63.190
_cell.length_c   75.668
_cell.angle_alpha   90.000
_cell.angle_beta   124.021
_cell.angle_gamma   90.000
#
_symmetry.space_group_name_H-M   'C 1 2 1'
#
loop_
_entity.id
_entity.type
_entity.pdbx_description
1 polymer 'Thiol:disulfide interchange protein DsbA'
2 non-polymer '1H-pyrrole-3-carboxylic acid'
3 non-polymer 'COPPER (II) ION'
4 water water
#
_entity_poly.entity_id   1
_entity_poly.type   'polypeptide(L)'
_entity_poly.pdbx_seq_one_letter_code
;AQYEDGKQYTTLEKPVAGAPQVLEFFSFFCPHCYQFEEVLHISDNVKKKLPEGVKMTKYHVNFMGGDLGKDLTQAWAVAM
ALGVEDKVTVPLFEGVQKTQTIRSASDIRDVFINAGIKGEEYDAAWNSFVVKSLVAQQEKAAADVQLRGVPAMFVNGKYQ
LNPQGMDTSNMDVFVQQYADTVKYLSEKK
;
_entity_poly.pdbx_strand_id   A,B
#
# COMPACT_ATOMS: atom_id res chain seq x y z
N TYR A 3 -15.91 17.87 -17.42
CA TYR A 3 -16.63 16.70 -16.91
C TYR A 3 -17.52 16.06 -17.98
N GLU A 4 -17.33 14.76 -18.20
CA GLU A 4 -18.10 13.99 -19.15
C GLU A 4 -18.33 12.60 -18.55
N ASP A 5 -19.56 12.10 -18.67
CA ASP A 5 -19.83 10.73 -18.24
C ASP A 5 -18.90 9.76 -18.95
N GLY A 6 -18.21 8.92 -18.17
CA GLY A 6 -17.20 8.02 -18.68
C GLY A 6 -15.77 8.50 -18.48
N LYS A 7 -15.56 9.79 -18.19
CA LYS A 7 -14.22 10.31 -17.95
C LYS A 7 -13.86 10.32 -16.47
N GLN A 8 -14.26 11.37 -15.74
CA GLN A 8 -13.98 11.45 -14.31
C GLN A 8 -14.97 10.65 -13.46
N TYR A 9 -16.07 10.20 -14.04
CA TYR A 9 -17.09 9.48 -13.32
C TYR A 9 -17.90 8.67 -14.32
N THR A 10 -18.66 7.71 -13.81
CA THR A 10 -19.60 6.95 -14.61
C THR A 10 -20.95 7.01 -13.94
N THR A 11 -22.01 6.85 -14.73
CA THR A 11 -23.38 6.94 -14.25
C THR A 11 -23.95 5.52 -14.15
N LEU A 12 -24.54 5.20 -13.00
CA LEU A 12 -25.06 3.86 -12.78
C LEU A 12 -26.32 3.63 -13.60
N GLU A 13 -26.42 2.43 -14.20
CA GLU A 13 -27.60 2.09 -14.99
C GLU A 13 -28.84 2.03 -14.13
N LYS A 14 -28.76 1.34 -12.98
CA LYS A 14 -29.89 1.28 -12.05
C LYS A 14 -29.52 2.03 -10.78
N PRO A 15 -29.91 3.29 -10.63
CA PRO A 15 -29.59 4.03 -9.42
C PRO A 15 -30.04 3.32 -8.16
N VAL A 16 -29.47 3.71 -7.03
CA VAL A 16 -29.75 3.08 -5.74
C VAL A 16 -30.52 4.10 -4.93
N ALA A 17 -31.82 3.89 -4.77
CA ALA A 17 -32.60 4.78 -3.92
C ALA A 17 -32.23 4.53 -2.46
N GLY A 18 -32.27 5.59 -1.66
CA GLY A 18 -31.94 5.44 -0.26
C GLY A 18 -30.45 5.36 0.03
N ALA A 19 -29.60 5.36 -1.00
CA ALA A 19 -28.18 5.43 -0.74
C ALA A 19 -27.83 6.80 -0.12
N PRO A 20 -26.84 6.84 0.75
CA PRO A 20 -26.39 8.13 1.30
C PRO A 20 -25.82 9.01 0.21
N GLN A 21 -25.65 10.30 0.54
CA GLN A 21 -25.08 11.24 -0.41
C GLN A 21 -23.71 10.79 -0.89
N VAL A 22 -22.85 10.35 0.04
CA VAL A 22 -21.52 9.83 -0.30
C VAL A 22 -21.37 8.43 0.29
N LEU A 23 -21.05 7.46 -0.56
CA LEU A 23 -20.92 6.06 -0.16
C LEU A 23 -19.56 5.56 -0.63
N GLU A 24 -18.67 5.26 0.32
CA GLU A 24 -17.36 4.70 0.03
C GLU A 24 -17.31 3.22 0.37
N PHE A 25 -16.58 2.45 -0.46
CA PHE A 25 -16.29 1.05 -0.18
C PHE A 25 -14.79 0.87 -0.11
N PHE A 26 -14.35 0.02 0.83
CA PHE A 26 -12.91 -0.23 0.98
C PHE A 26 -12.68 -1.62 1.53
N SER A 27 -11.40 -2.04 1.54
CA SER A 27 -10.98 -3.23 2.27
C SER A 27 -9.68 -2.90 2.99
N PHE A 28 -9.50 -3.45 4.18
CA PHE A 28 -8.22 -3.29 4.87
C PHE A 28 -7.10 -4.05 4.18
N PHE A 29 -7.43 -4.94 3.23
CA PHE A 29 -6.44 -5.61 2.40
C PHE A 29 -6.10 -4.84 1.13
N CYS A 30 -6.78 -3.75 0.85
CA CYS A 30 -6.72 -3.11 -0.46
C CYS A 30 -5.59 -2.08 -0.48
N PRO A 31 -4.55 -2.26 -1.30
CA PRO A 31 -3.42 -1.32 -1.23
C PRO A 31 -3.76 0.12 -1.58
N HIS A 32 -4.57 0.36 -2.61
CA HIS A 32 -4.93 1.74 -2.93
C HIS A 32 -5.77 2.34 -1.81
N CYS A 33 -6.54 1.51 -1.10
CA CYS A 33 -7.32 1.97 0.04
C CYS A 33 -6.42 2.48 1.16
N TYR A 34 -5.30 1.78 1.39
CA TYR A 34 -4.30 2.26 2.34
C TYR A 34 -3.78 3.65 1.93
N GLN A 35 -3.45 3.82 0.65
CA GLN A 35 -3.02 5.13 0.17
C GLN A 35 -4.12 6.18 0.38
N PHE A 36 -5.35 5.86 -0.01
CA PHE A 36 -6.45 6.81 0.14
C PHE A 36 -6.64 7.24 1.59
N GLU A 37 -6.43 6.32 2.54
N GLU A 37 -6.46 6.32 2.55
CA GLU A 37 -6.67 6.62 3.94
CA GLU A 37 -6.74 6.71 3.93
C GLU A 37 -5.47 7.30 4.60
C GLU A 37 -5.49 7.21 4.66
N GLU A 38 -4.33 6.60 4.65
N GLU A 38 -4.34 6.58 4.45
CA GLU A 38 -3.18 7.12 5.39
CA GLU A 38 -3.17 6.84 5.28
C GLU A 38 -2.47 8.23 4.64
C GLU A 38 -2.15 7.78 4.63
N VAL A 39 -2.27 8.06 3.33
CA VAL A 39 -1.41 8.98 2.61
C VAL A 39 -2.19 10.20 2.11
N LEU A 40 -3.33 9.98 1.45
CA LEU A 40 -4.09 11.07 0.87
C LEU A 40 -5.19 11.62 1.76
N HIS A 41 -5.75 10.84 2.68
CA HIS A 41 -6.88 11.28 3.49
C HIS A 41 -8.03 11.76 2.59
N ILE A 42 -8.38 10.91 1.62
CA ILE A 42 -9.39 11.26 0.61
C ILE A 42 -10.73 11.62 1.26
N SER A 43 -11.23 10.78 2.16
CA SER A 43 -12.56 11.06 2.72
C SER A 43 -12.58 12.39 3.46
N ASP A 44 -11.52 12.67 4.23
CA ASP A 44 -11.44 13.93 4.96
C ASP A 44 -11.42 15.13 4.02
N ASN A 45 -10.64 15.05 2.94
CA ASN A 45 -10.55 16.17 2.01
C ASN A 45 -11.80 16.31 1.16
N VAL A 46 -12.48 15.20 0.85
CA VAL A 46 -13.79 15.29 0.22
C VAL A 46 -14.79 15.97 1.15
N LYS A 47 -14.81 15.56 2.43
CA LYS A 47 -15.74 16.14 3.39
C LYS A 47 -15.54 17.65 3.52
N LYS A 48 -14.29 18.11 3.49
CA LYS A 48 -14.00 19.53 3.59
C LYS A 48 -14.56 20.34 2.43
N LYS A 49 -14.80 19.71 1.28
CA LYS A 49 -15.26 20.41 0.08
C LYS A 49 -16.76 20.34 -0.10
N LEU A 50 -17.48 19.56 0.70
CA LEU A 50 -18.92 19.44 0.68
C LEU A 50 -19.53 20.35 1.76
N PRO A 51 -20.82 20.68 1.66
CA PRO A 51 -21.46 21.39 2.77
C PRO A 51 -21.38 20.57 4.05
N GLU A 52 -21.37 21.27 5.18
CA GLU A 52 -21.41 20.59 6.48
C GLU A 52 -22.70 19.81 6.64
N GLY A 53 -22.62 18.66 7.31
CA GLY A 53 -23.77 17.83 7.55
C GLY A 53 -24.01 16.74 6.52
N VAL A 54 -23.40 16.83 5.34
CA VAL A 54 -23.54 15.82 4.31
C VAL A 54 -23.22 14.45 4.88
N LYS A 55 -24.09 13.47 4.63
CA LYS A 55 -23.85 12.13 5.13
C LYS A 55 -22.86 11.42 4.24
N MET A 56 -21.75 10.98 4.83
CA MET A 56 -20.76 10.12 4.21
C MET A 56 -20.79 8.77 4.94
N THR A 57 -20.95 7.70 4.17
CA THR A 57 -20.97 6.35 4.72
C THR A 57 -19.83 5.57 4.09
N LYS A 58 -19.18 4.72 4.90
CA LYS A 58 -18.04 3.93 4.46
C LYS A 58 -18.28 2.47 4.86
N TYR A 59 -18.22 1.55 3.89
CA TYR A 59 -18.48 0.14 4.14
C TYR A 59 -17.27 -0.70 3.71
N HIS A 60 -17.07 -1.80 4.42
CA HIS A 60 -16.00 -2.76 4.12
C HIS A 60 -16.54 -3.84 3.19
N VAL A 61 -15.65 -4.46 2.41
CA VAL A 61 -16.07 -5.49 1.46
C VAL A 61 -15.38 -6.80 1.81
N ASN A 62 -16.01 -7.90 1.42
CA ASN A 62 -15.53 -9.23 1.79
C ASN A 62 -14.47 -9.79 0.85
N PHE A 63 -14.44 -9.34 -0.40
CA PHE A 63 -13.86 -10.12 -1.49
C PHE A 63 -12.37 -9.93 -1.67
N MET A 64 -11.67 -9.51 -0.62
CA MET A 64 -10.22 -9.51 -0.54
C MET A 64 -9.78 -10.13 0.77
N GLY A 65 -8.60 -10.75 0.79
CA GLY A 65 -8.07 -11.29 2.02
C GLY A 65 -8.53 -12.68 2.37
N GLY A 66 -9.15 -13.41 1.44
CA GLY A 66 -9.51 -14.78 1.73
C GLY A 66 -10.43 -14.89 2.93
N ASP A 67 -10.15 -15.86 3.80
CA ASP A 67 -11.01 -16.08 4.95
C ASP A 67 -11.01 -14.92 5.94
N LEU A 68 -9.98 -14.07 5.94
N LEU A 68 -10.00 -14.06 5.90
CA LEU A 68 -9.99 -12.94 6.86
CA LEU A 68 -9.93 -12.92 6.81
C LEU A 68 -10.87 -11.79 6.36
C LEU A 68 -10.76 -11.74 6.33
N GLY A 69 -11.22 -11.77 5.08
CA GLY A 69 -12.00 -10.66 4.54
C GLY A 69 -13.35 -10.51 5.19
N LYS A 70 -14.08 -11.62 5.37
CA LYS A 70 -15.37 -11.53 6.06
C LYS A 70 -15.18 -11.13 7.51
N ASP A 71 -14.12 -11.62 8.16
CA ASP A 71 -13.87 -11.21 9.54
C ASP A 71 -13.65 -9.70 9.64
N LEU A 72 -12.94 -9.12 8.66
CA LEU A 72 -12.74 -7.68 8.69
C LEU A 72 -14.03 -6.93 8.42
N THR A 73 -14.92 -7.45 7.57
CA THR A 73 -16.21 -6.80 7.36
C THR A 73 -17.04 -6.83 8.64
N GLN A 74 -16.99 -7.95 9.36
CA GLN A 74 -17.69 -8.04 10.65
C GLN A 74 -17.03 -7.14 11.69
N ALA A 75 -15.70 -7.05 11.69
CA ALA A 75 -15.03 -6.13 12.60
C ALA A 75 -15.41 -4.69 12.28
N TRP A 76 -15.54 -4.35 10.99
CA TRP A 76 -15.96 -3.00 10.64
C TRP A 76 -17.38 -2.73 11.10
N ALA A 77 -18.26 -3.74 10.99
CA ALA A 77 -19.59 -3.61 11.56
C ALA A 77 -19.54 -3.33 13.07
N VAL A 78 -18.64 -4.00 13.79
CA VAL A 78 -18.48 -3.71 15.22
C VAL A 78 -18.02 -2.27 15.42
N ALA A 79 -17.07 -1.81 14.61
CA ALA A 79 -16.58 -0.44 14.73
C ALA A 79 -17.71 0.56 14.49
N MET A 80 -18.56 0.26 13.51
CA MET A 80 -19.71 1.12 13.18
C MET A 80 -20.73 1.10 14.32
N ALA A 81 -21.00 -0.08 14.87
CA ALA A 81 -21.99 -0.18 15.94
C ALA A 81 -21.54 0.53 17.21
N LEU A 82 -20.25 0.44 17.53
CA LEU A 82 -19.68 1.07 18.72
C LEU A 82 -19.26 2.50 18.49
N GLY A 83 -19.23 2.96 17.24
CA GLY A 83 -18.76 4.29 16.92
C GLY A 83 -17.29 4.51 17.17
N VAL A 84 -16.47 3.51 16.90
CA VAL A 84 -15.04 3.61 17.16
C VAL A 84 -14.21 3.55 15.88
N GLU A 85 -14.82 3.88 14.74
CA GLU A 85 -14.09 3.85 13.47
C GLU A 85 -12.79 4.64 13.54
N ASP A 86 -12.81 5.82 14.15
CA ASP A 86 -11.60 6.65 14.14
C ASP A 86 -10.55 6.17 15.13
N LYS A 87 -10.84 5.13 15.90
CA LYS A 87 -9.86 4.56 16.80
C LYS A 87 -9.18 3.34 16.20
N VAL A 88 -9.87 2.62 15.31
CA VAL A 88 -9.35 1.35 14.82
C VAL A 88 -8.94 1.38 13.35
N THR A 89 -9.27 2.43 12.59
CA THR A 89 -8.97 2.40 11.15
C THR A 89 -7.47 2.31 10.90
N VAL A 90 -6.69 3.18 11.53
CA VAL A 90 -5.24 3.15 11.31
C VAL A 90 -4.62 1.84 11.78
N PRO A 91 -4.86 1.36 13.01
CA PRO A 91 -4.23 0.08 13.41
C PRO A 91 -4.68 -1.11 12.60
N LEU A 92 -5.91 -1.13 12.09
CA LEU A 92 -6.30 -2.24 11.21
C LEU A 92 -5.56 -2.17 9.88
N PHE A 93 -5.47 -0.98 9.27
CA PHE A 93 -4.70 -0.85 8.04
C PHE A 93 -3.25 -1.25 8.26
N GLU A 94 -2.64 -0.73 9.33
CA GLU A 94 -1.22 -1.04 9.56
C GLU A 94 -1.03 -2.50 9.95
N GLY A 95 -1.97 -3.07 10.72
CA GLY A 95 -1.84 -4.46 11.10
C GLY A 95 -1.90 -5.41 9.92
N VAL A 96 -2.76 -5.11 8.93
CA VAL A 96 -2.87 -5.96 7.76
C VAL A 96 -1.72 -5.72 6.77
N GLN A 97 -1.41 -4.45 6.49
CA GLN A 97 -0.54 -4.15 5.34
C GLN A 97 0.87 -3.73 5.70
N LYS A 98 1.07 -3.14 6.87
CA LYS A 98 2.40 -2.64 7.23
C LYS A 98 3.16 -3.68 8.05
N THR A 99 2.62 -4.04 9.23
CA THR A 99 3.31 -5.02 10.08
C THR A 99 2.89 -6.46 9.82
N GLN A 100 1.77 -6.69 9.11
CA GLN A 100 1.24 -8.03 8.84
C GLN A 100 1.13 -8.86 10.11
N THR A 101 0.68 -8.22 11.18
CA THR A 101 0.43 -8.87 12.47
C THR A 101 -1.02 -9.26 12.65
N ILE A 102 -1.88 -9.00 11.68
CA ILE A 102 -3.29 -9.37 11.77
C ILE A 102 -3.50 -10.57 10.84
N ARG A 103 -3.62 -11.75 11.44
CA ARG A 103 -3.74 -13.02 10.73
C ARG A 103 -4.94 -13.85 11.13
N SER A 104 -5.74 -13.39 12.08
CA SER A 104 -6.83 -14.19 12.63
C SER A 104 -7.85 -13.24 13.24
N ALA A 105 -9.03 -13.79 13.54
CA ALA A 105 -10.05 -12.97 14.20
C ALA A 105 -9.55 -12.49 15.56
N SER A 106 -8.76 -13.30 16.24
CA SER A 106 -8.23 -12.90 17.53
C SER A 106 -7.27 -11.71 17.38
N ASP A 107 -6.48 -11.68 16.30
CA ASP A 107 -5.60 -10.54 16.09
C ASP A 107 -6.39 -9.27 15.81
N ILE A 108 -7.53 -9.40 15.13
CA ILE A 108 -8.40 -8.24 14.90
C ILE A 108 -8.91 -7.72 16.24
N ARG A 109 -9.40 -8.63 17.08
CA ARG A 109 -9.90 -8.27 18.41
C ARG A 109 -8.82 -7.56 19.23
N ASP A 110 -7.57 -8.03 19.14
CA ASP A 110 -6.48 -7.37 19.87
C ASP A 110 -6.37 -5.89 19.54
N VAL A 111 -6.63 -5.52 18.28
CA VAL A 111 -6.58 -4.12 17.88
C VAL A 111 -7.60 -3.30 18.65
N PHE A 112 -8.82 -3.84 18.75
CA PHE A 112 -9.85 -3.13 19.50
C PHE A 112 -9.52 -3.08 20.99
N ILE A 113 -8.95 -4.16 21.54
CA ILE A 113 -8.58 -4.14 22.96
C ILE A 113 -7.51 -3.11 23.21
N ASN A 114 -6.49 -3.06 22.34
CA ASN A 114 -5.41 -2.08 22.46
C ASN A 114 -5.95 -0.66 22.31
N ALA A 115 -7.00 -0.48 21.53
CA ALA A 115 -7.60 0.83 21.37
C ALA A 115 -8.54 1.22 22.51
N GLY A 116 -8.71 0.37 23.53
CA GLY A 116 -9.50 0.74 24.69
C GLY A 116 -10.92 0.23 24.71
N ILE A 117 -11.32 -0.57 23.73
CA ILE A 117 -12.66 -1.17 23.76
C ILE A 117 -12.61 -2.36 24.72
N LYS A 118 -13.53 -2.40 25.69
CA LYS A 118 -13.53 -3.46 26.67
C LYS A 118 -13.79 -4.82 26.01
N GLY A 119 -13.14 -5.86 26.53
CA GLY A 119 -13.29 -7.17 25.94
C GLY A 119 -14.73 -7.63 25.87
N GLU A 120 -15.47 -7.46 26.98
CA GLU A 120 -16.86 -7.91 27.01
C GLU A 120 -17.70 -7.15 25.99
N GLU A 121 -17.43 -5.87 25.79
CA GLU A 121 -18.28 -5.13 24.87
C GLU A 121 -17.94 -5.46 23.42
N TYR A 122 -16.66 -5.69 23.11
CA TYR A 122 -16.30 -6.16 21.78
C TYR A 122 -16.98 -7.51 21.49
N ASP A 123 -16.85 -8.46 22.41
CA ASP A 123 -17.41 -9.79 22.18
C ASP A 123 -18.94 -9.73 22.05
N ALA A 124 -19.59 -8.94 22.91
CA ALA A 124 -21.04 -8.80 22.82
C ALA A 124 -21.45 -8.21 21.47
N ALA A 125 -20.72 -7.19 21.00
CA ALA A 125 -21.03 -6.59 19.71
C ALA A 125 -20.75 -7.58 18.58
N TRP A 126 -19.61 -8.25 18.63
CA TRP A 126 -19.23 -9.20 17.57
C TRP A 126 -20.33 -10.23 17.34
N ASN A 127 -20.96 -10.69 18.41
CA ASN A 127 -21.94 -11.76 18.33
C ASN A 127 -23.36 -11.24 18.23
N SER A 128 -23.56 -9.93 18.14
CA SER A 128 -24.91 -9.38 18.19
C SER A 128 -25.61 -9.47 16.84
N PHE A 129 -26.95 -9.49 16.91
CA PHE A 129 -27.74 -9.46 15.69
C PHE A 129 -27.71 -8.08 15.04
N VAL A 130 -27.53 -7.02 15.83
CA VAL A 130 -27.32 -5.70 15.23
C VAL A 130 -26.10 -5.74 14.30
N VAL A 131 -25.02 -6.41 14.73
CA VAL A 131 -23.84 -6.47 13.88
C VAL A 131 -24.07 -7.41 12.70
N LYS A 132 -24.78 -8.53 12.91
CA LYS A 132 -25.16 -9.36 11.77
C LYS A 132 -25.89 -8.54 10.73
N SER A 133 -26.79 -7.66 11.16
CA SER A 133 -27.54 -6.85 10.22
C SER A 133 -26.63 -5.83 9.53
N LEU A 134 -25.66 -5.28 10.26
CA LEU A 134 -24.73 -4.34 9.64
C LEU A 134 -23.84 -5.05 8.62
N VAL A 135 -23.48 -6.30 8.87
CA VAL A 135 -22.74 -7.07 7.87
C VAL A 135 -23.57 -7.24 6.61
N ALA A 136 -24.85 -7.62 6.78
CA ALA A 136 -25.73 -7.79 5.64
C ALA A 136 -25.94 -6.48 4.88
N GLN A 137 -26.05 -5.36 5.61
CA GLN A 137 -26.22 -4.06 4.98
C GLN A 137 -25.02 -3.70 4.11
N GLN A 138 -23.81 -3.96 4.61
CA GLN A 138 -22.63 -3.67 3.80
C GLN A 138 -22.62 -4.53 2.55
N GLU A 139 -22.99 -5.80 2.68
CA GLU A 139 -22.98 -6.69 1.54
C GLU A 139 -24.05 -6.31 0.53
N LYS A 140 -25.24 -5.91 1.02
CA LYS A 140 -26.31 -5.55 0.11
C LYS A 140 -25.94 -4.29 -0.66
N ALA A 141 -25.32 -3.33 0.02
CA ALA A 141 -24.92 -2.10 -0.65
C ALA A 141 -23.96 -2.40 -1.79
N ALA A 142 -22.97 -3.26 -1.55
CA ALA A 142 -22.05 -3.62 -2.62
C ALA A 142 -22.78 -4.34 -3.75
N ALA A 143 -23.72 -5.23 -3.40
CA ALA A 143 -24.49 -5.91 -4.43
C ALA A 143 -25.31 -4.93 -5.25
N ASP A 144 -25.86 -3.90 -4.59
CA ASP A 144 -26.73 -2.95 -5.26
C ASP A 144 -26.00 -2.23 -6.39
N VAL A 145 -24.68 -2.05 -6.28
CA VAL A 145 -23.90 -1.37 -7.31
C VAL A 145 -23.04 -2.35 -8.11
N GLN A 146 -23.27 -3.65 -7.97
CA GLN A 146 -22.47 -4.69 -8.61
C GLN A 146 -20.98 -4.40 -8.48
N LEU A 147 -20.54 -4.22 -7.24
CA LEU A 147 -19.19 -3.75 -6.96
C LEU A 147 -18.15 -4.78 -7.38
N ARG A 148 -17.15 -4.35 -8.18
CA ARG A 148 -16.11 -5.24 -8.67
C ARG A 148 -14.74 -4.97 -8.07
N GLY A 149 -14.54 -3.84 -7.41
CA GLY A 149 -13.23 -3.53 -6.88
C GLY A 149 -13.31 -2.36 -5.92
N VAL A 150 -12.25 -2.21 -5.13
CA VAL A 150 -12.13 -1.11 -4.18
C VAL A 150 -10.76 -0.45 -4.40
N PRO A 151 -10.61 0.82 -4.01
CA PRO A 151 -11.60 1.71 -3.39
C PRO A 151 -12.68 2.09 -4.38
N ALA A 152 -13.84 2.51 -3.87
CA ALA A 152 -14.91 2.94 -4.75
C ALA A 152 -15.70 3.99 -3.98
N MET A 153 -16.15 5.02 -4.69
CA MET A 153 -17.03 6.02 -4.10
C MET A 153 -18.21 6.29 -5.03
N PHE A 154 -19.40 6.39 -4.45
CA PHE A 154 -20.63 6.63 -5.17
C PHE A 154 -21.29 7.88 -4.60
N VAL A 155 -21.85 8.71 -5.49
CA VAL A 155 -22.49 9.96 -5.09
C VAL A 155 -23.97 9.88 -5.41
N ASN A 156 -24.81 10.13 -4.40
CA ASN A 156 -26.27 10.19 -4.51
C ASN A 156 -26.85 8.92 -5.15
N GLY A 157 -26.17 7.80 -4.96
CA GLY A 157 -26.59 6.52 -5.51
C GLY A 157 -26.63 6.45 -7.01
N LYS A 158 -26.05 7.44 -7.69
CA LYS A 158 -26.21 7.59 -9.12
C LYS A 158 -24.90 7.59 -9.91
N TYR A 159 -23.81 8.06 -9.32
CA TYR A 159 -22.55 8.24 -10.03
C TYR A 159 -21.43 7.53 -9.30
N GLN A 160 -20.53 6.94 -10.06
CA GLN A 160 -19.34 6.30 -9.51
C GLN A 160 -18.09 7.08 -9.91
N LEU A 161 -17.24 7.41 -8.93
CA LEU A 161 -16.00 8.13 -9.19
C LEU A 161 -15.07 7.27 -10.05
N ASN A 162 -14.30 7.91 -10.92
CA ASN A 162 -13.32 7.22 -11.78
C ASN A 162 -11.92 7.83 -11.59
N PRO A 163 -11.21 7.44 -10.52
CA PRO A 163 -9.88 8.01 -10.28
C PRO A 163 -8.83 7.65 -11.34
N GLN A 164 -9.05 6.59 -12.11
CA GLN A 164 -8.07 6.21 -13.14
C GLN A 164 -7.86 7.31 -14.17
N GLY A 165 -8.81 8.22 -14.35
CA GLY A 165 -8.62 9.31 -15.27
C GLY A 165 -8.06 10.58 -14.66
N MET A 166 -7.53 10.53 -13.45
CA MET A 166 -7.06 11.76 -12.79
C MET A 166 -5.54 11.84 -12.78
N ASP A 167 -5.04 13.05 -12.54
CA ASP A 167 -3.60 13.34 -12.56
C ASP A 167 -2.93 12.72 -11.34
N THR A 168 -2.00 11.79 -11.56
CA THR A 168 -1.26 11.17 -10.47
C THR A 168 0.17 11.68 -10.34
N SER A 169 0.57 12.68 -11.13
CA SER A 169 1.94 13.17 -11.03
C SER A 169 2.12 14.03 -9.79
N ASN A 170 1.04 14.63 -9.30
CA ASN A 170 1.07 15.46 -8.10
C ASN A 170 -0.08 15.01 -7.18
N MET A 171 0.24 14.60 -5.94
CA MET A 171 -0.83 14.05 -5.09
C MET A 171 -1.83 15.11 -4.68
N ASP A 172 -1.40 16.34 -4.46
CA ASP A 172 -2.36 17.39 -4.11
C ASP A 172 -3.32 17.67 -5.26
N VAL A 173 -2.81 17.64 -6.49
CA VAL A 173 -3.67 17.80 -7.67
C VAL A 173 -4.67 16.65 -7.76
N PHE A 174 -4.22 15.43 -7.50
CA PHE A 174 -5.12 14.28 -7.50
C PHE A 174 -6.24 14.45 -6.49
N VAL A 175 -5.89 14.78 -5.24
CA VAL A 175 -6.87 14.91 -4.18
C VAL A 175 -7.86 16.03 -4.51
N GLN A 176 -7.36 17.16 -5.02
N GLN A 176 -7.34 17.17 -4.98
CA GLN A 176 -8.25 18.26 -5.36
CA GLN A 176 -8.22 18.27 -5.41
C GLN A 176 -9.14 17.91 -6.56
C GLN A 176 -9.15 17.81 -6.51
N GLN A 177 -8.59 17.18 -7.55
CA GLN A 177 -9.41 16.73 -8.66
C GLN A 177 -10.49 15.76 -8.19
N TYR A 178 -10.13 14.84 -7.30
CA TYR A 178 -11.09 13.89 -6.74
C TYR A 178 -12.19 14.59 -5.98
N ALA A 179 -11.80 15.48 -5.05
CA ALA A 179 -12.78 16.17 -4.23
C ALA A 179 -13.67 17.08 -5.05
N ASP A 180 -13.09 17.81 -6.01
CA ASP A 180 -13.90 18.69 -6.87
C ASP A 180 -14.90 17.89 -7.68
N THR A 181 -14.53 16.68 -8.10
CA THR A 181 -15.46 15.84 -8.84
C THR A 181 -16.62 15.41 -7.96
N VAL A 182 -16.34 15.04 -6.70
CA VAL A 182 -17.43 14.69 -5.80
C VAL A 182 -18.35 15.87 -5.59
N LYS A 183 -17.78 17.07 -5.38
CA LYS A 183 -18.58 18.28 -5.23
C LYS A 183 -19.46 18.52 -6.44
N TYR A 184 -18.88 18.42 -7.64
CA TYR A 184 -19.65 18.59 -8.87
C TYR A 184 -20.81 17.60 -8.93
N LEU A 185 -20.53 16.32 -8.67
CA LEU A 185 -21.58 15.31 -8.75
C LEU A 185 -22.67 15.52 -7.71
N SER A 186 -22.28 15.95 -6.51
CA SER A 186 -23.26 16.10 -5.44
C SER A 186 -24.22 17.24 -5.75
N GLU A 187 -23.78 18.22 -6.52
CA GLU A 187 -24.62 19.34 -6.92
C GLU A 187 -25.44 19.04 -8.17
N LYS A 188 -25.22 17.88 -8.79
CA LYS A 188 -25.91 17.54 -10.04
C LYS A 188 -27.37 17.19 -9.76
N ALA B 1 13.51 -32.11 4.70
CA ALA B 1 14.64 -31.21 4.52
C ALA B 1 14.30 -29.85 5.06
N GLN B 2 15.29 -29.09 5.49
CA GLN B 2 14.98 -27.77 6.05
C GLN B 2 14.38 -26.85 5.00
N TYR B 3 15.11 -26.62 3.92
CA TYR B 3 14.65 -25.71 2.88
C TYR B 3 13.83 -26.49 1.87
N GLU B 4 12.61 -26.02 1.63
CA GLU B 4 11.69 -26.72 0.75
C GLU B 4 11.09 -25.70 -0.22
N ASP B 5 11.11 -26.05 -1.50
CA ASP B 5 10.48 -25.21 -2.51
C ASP B 5 9.02 -25.01 -2.18
N GLY B 6 8.59 -23.74 -2.15
CA GLY B 6 7.25 -23.37 -1.78
C GLY B 6 7.11 -22.93 -0.34
N LYS B 7 8.09 -23.23 0.50
CA LYS B 7 8.09 -22.86 1.90
C LYS B 7 8.85 -21.54 2.09
N GLN B 8 10.18 -21.60 2.20
CA GLN B 8 10.93 -20.36 2.40
C GLN B 8 11.15 -19.58 1.11
N TYR B 9 10.93 -20.21 -0.04
CA TYR B 9 11.23 -19.60 -1.33
C TYR B 9 10.39 -20.30 -2.40
N THR B 10 10.33 -19.68 -3.59
CA THR B 10 9.75 -20.30 -4.76
C THR B 10 10.76 -20.24 -5.89
N THR B 11 10.60 -21.11 -6.87
CA THR B 11 11.51 -21.20 -8.00
C THR B 11 10.85 -20.62 -9.25
N LEU B 12 11.56 -19.73 -9.93
CA LEU B 12 11.03 -19.09 -11.12
C LEU B 12 10.95 -20.07 -12.28
N GLU B 13 9.84 -20.02 -13.02
CA GLU B 13 9.68 -20.88 -14.18
C GLU B 13 10.69 -20.53 -15.26
N LYS B 14 10.85 -19.24 -15.56
CA LYS B 14 11.83 -18.77 -16.54
C LYS B 14 12.91 -17.96 -15.82
N PRO B 15 14.00 -18.58 -15.39
CA PRO B 15 15.09 -17.83 -14.76
C PRO B 15 15.66 -16.75 -15.68
N VAL B 16 16.35 -15.79 -15.06
CA VAL B 16 16.87 -14.60 -15.72
C VAL B 16 18.39 -14.69 -15.71
N ALA B 17 18.99 -14.90 -16.87
CA ALA B 17 20.45 -14.87 -16.96
C ALA B 17 20.95 -13.43 -16.82
N GLY B 18 22.09 -13.27 -16.15
CA GLY B 18 22.67 -11.95 -15.94
C GLY B 18 22.07 -11.14 -14.82
N ALA B 19 21.04 -11.65 -14.13
CA ALA B 19 20.47 -10.95 -12.99
C ALA B 19 21.49 -10.83 -11.86
N PRO B 20 21.38 -9.79 -11.02
CA PRO B 20 22.28 -9.67 -9.87
C PRO B 20 22.14 -10.87 -8.93
N GLN B 21 23.18 -11.08 -8.12
CA GLN B 21 23.17 -12.18 -7.17
C GLN B 21 22.00 -12.06 -6.20
N VAL B 22 21.85 -10.89 -5.58
CA VAL B 22 20.74 -10.63 -4.67
C VAL B 22 20.08 -9.33 -5.13
N LEU B 23 18.80 -9.41 -5.46
CA LEU B 23 18.09 -8.29 -6.04
C LEU B 23 16.82 -8.02 -5.25
N GLU B 24 16.76 -6.84 -4.63
CA GLU B 24 15.61 -6.41 -3.84
C GLU B 24 14.80 -5.41 -4.67
N PHE B 25 13.47 -5.49 -4.58
CA PHE B 25 12.59 -4.49 -5.15
C PHE B 25 11.78 -3.84 -4.05
N PHE B 26 11.55 -2.54 -4.15
CA PHE B 26 10.77 -1.82 -3.15
C PHE B 26 10.12 -0.61 -3.81
N SER B 27 9.23 0.02 -3.05
CA SER B 27 8.68 1.33 -3.40
C SER B 27 8.63 2.21 -2.17
N PHE B 28 8.85 3.52 -2.36
CA PHE B 28 8.72 4.43 -1.23
C PHE B 28 7.26 4.61 -0.81
N PHE B 29 6.31 4.15 -1.63
CA PHE B 29 4.89 4.16 -1.26
C PHE B 29 4.47 2.92 -0.50
N CYS B 30 5.37 1.95 -0.37
CA CYS B 30 5.00 0.62 0.08
C CYS B 30 5.19 0.48 1.60
N PRO B 31 4.11 0.35 2.38
CA PRO B 31 4.27 0.32 3.85
C PRO B 31 5.02 -0.91 4.35
N HIS B 32 4.75 -2.08 3.76
CA HIS B 32 5.46 -3.28 4.19
C HIS B 32 6.92 -3.22 3.81
N CYS B 33 7.26 -2.50 2.73
CA CYS B 33 8.67 -2.30 2.39
C CYS B 33 9.35 -1.44 3.44
N TYR B 34 8.67 -0.40 3.91
CA TYR B 34 9.19 0.40 5.00
C TYR B 34 9.41 -0.46 6.23
N GLN B 35 8.42 -1.32 6.52
CA GLN B 35 8.54 -2.21 7.66
C GLN B 35 9.78 -3.10 7.53
N PHE B 36 9.96 -3.74 6.37
CA PHE B 36 11.12 -4.60 6.15
C PHE B 36 12.43 -3.83 6.30
N GLU B 37 12.53 -2.67 5.65
CA GLU B 37 13.83 -2.00 5.55
C GLU B 37 14.22 -1.31 6.85
N GLU B 38 13.28 -0.58 7.46
CA GLU B 38 13.60 0.32 8.56
C GLU B 38 13.19 -0.19 9.94
N VAL B 39 12.29 -1.14 10.04
CA VAL B 39 11.83 -1.65 11.33
C VAL B 39 12.42 -3.03 11.62
N LEU B 40 12.29 -3.96 10.69
CA LEU B 40 12.79 -5.31 10.89
C LEU B 40 14.26 -5.42 10.54
N HIS B 41 14.76 -4.47 9.73
CA HIS B 41 16.14 -4.48 9.24
C HIS B 41 16.45 -5.75 8.47
N ILE B 42 15.54 -6.15 7.59
CA ILE B 42 15.74 -7.40 6.82
C ILE B 42 17.03 -7.33 6.01
N SER B 43 17.20 -6.28 5.21
CA SER B 43 18.37 -6.24 4.33
C SER B 43 19.67 -6.20 5.14
N ASP B 44 19.69 -5.48 6.27
CA ASP B 44 20.90 -5.48 7.11
C ASP B 44 21.24 -6.88 7.55
N ASN B 45 20.23 -7.65 7.97
CA ASN B 45 20.50 -8.99 8.47
C ASN B 45 20.86 -9.95 7.34
N VAL B 46 20.28 -9.75 6.15
CA VAL B 46 20.73 -10.53 4.99
C VAL B 46 22.18 -10.22 4.68
N LYS B 47 22.54 -8.93 4.64
CA LYS B 47 23.92 -8.56 4.33
C LYS B 47 24.92 -9.16 5.31
N LYS B 48 24.57 -9.22 6.59
CA LYS B 48 25.50 -9.69 7.62
C LYS B 48 25.90 -11.15 7.42
N LYS B 49 25.00 -11.95 6.86
CA LYS B 49 25.19 -13.38 6.69
C LYS B 49 25.62 -13.74 5.29
N LEU B 50 25.74 -12.78 4.43
CA LEU B 50 26.31 -13.07 3.14
C LEU B 50 27.82 -12.88 3.23
N PRO B 51 28.57 -13.49 2.32
CA PRO B 51 29.99 -13.14 2.20
C PRO B 51 30.14 -11.68 1.76
N GLU B 52 31.32 -11.12 2.03
CA GLU B 52 31.59 -9.82 1.42
C GLU B 52 31.63 -9.91 -0.11
N GLY B 53 31.68 -11.14 -0.66
CA GLY B 53 31.75 -11.36 -2.10
C GLY B 53 30.43 -11.28 -2.86
N VAL B 54 29.29 -11.35 -2.17
CA VAL B 54 27.99 -11.23 -2.83
C VAL B 54 27.44 -9.83 -2.52
N LYS B 55 27.14 -9.06 -3.57
CA LYS B 55 26.57 -7.72 -3.51
C LYS B 55 25.05 -7.77 -3.49
N MET B 56 24.45 -6.81 -2.79
CA MET B 56 23.01 -6.66 -2.76
C MET B 56 22.63 -5.46 -3.61
N THR B 57 21.70 -5.65 -4.53
CA THR B 57 21.23 -4.61 -5.42
C THR B 57 19.78 -4.33 -5.07
N LYS B 58 19.42 -3.05 -5.02
CA LYS B 58 18.07 -2.68 -4.63
C LYS B 58 17.52 -1.71 -5.67
N TYR B 59 16.36 -2.06 -6.24
CA TYR B 59 15.73 -1.26 -7.28
C TYR B 59 14.34 -0.84 -6.83
N HIS B 60 13.94 0.35 -7.26
CA HIS B 60 12.62 0.92 -7.02
C HIS B 60 11.67 0.52 -8.15
N VAL B 61 10.37 0.52 -7.87
CA VAL B 61 9.39 0.07 -8.85
C VAL B 61 8.42 1.20 -9.17
N ASN B 62 7.81 1.10 -10.36
CA ASN B 62 6.93 2.14 -10.88
C ASN B 62 5.48 1.96 -10.47
N PHE B 63 5.06 0.75 -10.12
CA PHE B 63 3.64 0.43 -10.13
C PHE B 63 2.95 0.75 -8.81
N MET B 64 3.51 1.64 -8.01
CA MET B 64 2.79 2.25 -6.90
C MET B 64 2.94 3.75 -7.01
N GLY B 65 1.88 4.48 -6.62
CA GLY B 65 1.97 5.93 -6.62
C GLY B 65 1.76 6.61 -7.95
N GLY B 66 1.27 5.90 -8.96
CA GLY B 66 1.03 6.49 -10.26
C GLY B 66 2.26 7.12 -10.89
N ASP B 67 2.06 8.28 -11.52
CA ASP B 67 3.17 8.96 -12.21
C ASP B 67 4.23 9.44 -11.23
N LEU B 68 3.84 9.77 -10.00
CA LEU B 68 4.84 10.12 -9.00
C LEU B 68 5.74 8.94 -8.69
N GLY B 69 5.19 7.71 -8.77
CA GLY B 69 6.01 6.54 -8.59
C GLY B 69 7.16 6.46 -9.57
N LYS B 70 6.89 6.79 -10.84
CA LYS B 70 7.95 6.79 -11.84
C LYS B 70 9.01 7.85 -11.50
N ASP B 71 8.60 9.01 -11.00
CA ASP B 71 9.58 10.02 -10.57
C ASP B 71 10.44 9.52 -9.42
N LEU B 72 9.85 8.77 -8.49
CA LEU B 72 10.63 8.19 -7.40
C LEU B 72 11.60 7.13 -7.92
N THR B 73 11.24 6.38 -8.96
CA THR B 73 12.20 5.44 -9.54
C THR B 73 13.39 6.19 -10.16
N GLN B 74 13.11 7.32 -10.81
CA GLN B 74 14.21 8.14 -11.32
C GLN B 74 15.00 8.77 -10.20
N ALA B 75 14.33 9.22 -9.13
CA ALA B 75 15.07 9.74 -7.98
C ALA B 75 15.95 8.66 -7.34
N TRP B 76 15.45 7.41 -7.28
CA TRP B 76 16.30 6.34 -6.75
C TRP B 76 17.51 6.11 -7.63
N ALA B 77 17.32 6.19 -8.95
CA ALA B 77 18.44 6.15 -9.88
C ALA B 77 19.45 7.26 -9.58
N VAL B 78 18.96 8.47 -9.30
CA VAL B 78 19.87 9.55 -8.89
C VAL B 78 20.59 9.18 -7.60
N ALA B 79 19.87 8.61 -6.63
CA ALA B 79 20.50 8.22 -5.38
C ALA B 79 21.61 7.20 -5.60
N MET B 80 21.37 6.22 -6.49
CA MET B 80 22.42 5.24 -6.76
C MET B 80 23.60 5.89 -7.46
N ALA B 81 23.32 6.77 -8.43
CA ALA B 81 24.37 7.40 -9.22
C ALA B 81 25.25 8.29 -8.37
N LEU B 82 24.65 9.00 -7.42
CA LEU B 82 25.41 9.86 -6.52
C LEU B 82 25.95 9.11 -5.31
N GLY B 83 25.54 7.86 -5.10
CA GLY B 83 25.94 7.12 -3.92
C GLY B 83 25.41 7.70 -2.62
N VAL B 84 24.16 8.17 -2.61
CA VAL B 84 23.59 8.76 -1.41
C VAL B 84 22.39 7.95 -0.91
N GLU B 85 22.31 6.67 -1.26
CA GLU B 85 21.21 5.83 -0.77
C GLU B 85 21.08 5.88 0.74
N ASP B 86 22.22 5.88 1.46
CA ASP B 86 22.16 5.85 2.91
C ASP B 86 21.95 7.23 3.52
N LYS B 87 21.74 8.26 2.71
CA LYS B 87 21.36 9.58 3.19
C LYS B 87 19.90 9.93 2.91
N VAL B 88 19.33 9.47 1.80
CA VAL B 88 18.01 9.92 1.39
C VAL B 88 16.92 8.88 1.61
N THR B 89 17.25 7.64 1.97
CA THR B 89 16.22 6.62 2.09
C THR B 89 15.18 6.98 3.16
N VAL B 90 15.63 7.41 4.33
CA VAL B 90 14.70 7.74 5.41
C VAL B 90 13.84 8.95 5.07
N PRO B 91 14.39 10.11 4.64
CA PRO B 91 13.50 11.22 4.32
C PRO B 91 12.55 10.95 3.16
N LEU B 92 12.94 10.07 2.21
CA LEU B 92 12.00 9.72 1.14
C LEU B 92 10.84 8.88 1.68
N PHE B 93 11.13 7.85 2.49
CA PHE B 93 10.05 7.07 3.11
C PHE B 93 9.18 7.97 3.97
N GLU B 94 9.81 8.79 4.82
CA GLU B 94 9.06 9.60 5.77
C GLU B 94 8.25 10.67 5.05
N GLY B 95 8.82 11.29 4.01
CA GLY B 95 8.11 12.33 3.29
C GLY B 95 6.89 11.80 2.54
N VAL B 96 6.99 10.58 2.00
CA VAL B 96 5.85 10.01 1.30
C VAL B 96 4.82 9.48 2.29
N GLN B 97 5.25 8.71 3.29
CA GLN B 97 4.28 7.94 4.05
C GLN B 97 3.93 8.54 5.42
N LYS B 98 4.85 9.27 6.05
CA LYS B 98 4.65 9.73 7.42
C LYS B 98 4.21 11.20 7.48
N THR B 99 5.03 12.12 6.99
CA THR B 99 4.71 13.53 7.08
C THR B 99 3.89 14.08 5.90
N GLN B 100 3.67 13.29 4.85
CA GLN B 100 2.99 13.77 3.64
C GLN B 100 3.62 15.04 3.09
N THR B 101 4.95 15.17 3.16
CA THR B 101 5.59 16.35 2.62
C THR B 101 6.13 16.13 1.21
N ILE B 102 6.05 14.92 0.68
CA ILE B 102 6.45 14.61 -0.69
C ILE B 102 5.19 14.37 -1.50
N ARG B 103 4.83 15.34 -2.36
CA ARG B 103 3.62 15.24 -3.17
C ARG B 103 3.89 15.36 -4.67
N SER B 104 5.11 15.67 -5.08
CA SER B 104 5.43 15.96 -6.47
C SER B 104 6.93 15.81 -6.65
N ALA B 105 7.37 15.83 -7.91
CA ALA B 105 8.80 15.68 -8.20
C ALA B 105 9.65 16.75 -7.53
N SER B 106 9.12 17.99 -7.42
CA SER B 106 9.89 19.06 -6.81
C SER B 106 10.17 18.79 -5.34
N ASP B 107 9.23 18.16 -4.64
CA ASP B 107 9.45 17.81 -3.25
C ASP B 107 10.56 16.78 -3.10
N ILE B 108 10.68 15.87 -4.07
CA ILE B 108 11.76 14.88 -4.05
C ILE B 108 13.11 15.58 -4.13
N ARG B 109 13.23 16.53 -5.06
CA ARG B 109 14.46 17.28 -5.21
C ARG B 109 14.85 17.99 -3.93
N ASP B 110 13.88 18.55 -3.21
CA ASP B 110 14.15 19.21 -1.94
C ASP B 110 14.80 18.26 -0.93
N VAL B 111 14.41 16.98 -0.95
CA VAL B 111 15.02 16.02 -0.04
C VAL B 111 16.52 15.90 -0.31
N PHE B 112 16.90 15.81 -1.58
CA PHE B 112 18.32 15.68 -1.88
C PHE B 112 19.08 16.94 -1.51
N ILE B 113 18.48 18.11 -1.75
CA ILE B 113 19.13 19.37 -1.38
C ILE B 113 19.27 19.48 0.13
N ASN B 114 18.23 19.08 0.86
CA ASN B 114 18.29 19.10 2.33
C ASN B 114 19.37 18.18 2.87
N ALA B 115 19.68 17.11 2.16
CA ALA B 115 20.74 16.18 2.54
C ALA B 115 22.12 16.65 2.11
N GLY B 116 22.24 17.84 1.52
CA GLY B 116 23.55 18.41 1.20
C GLY B 116 23.99 18.27 -0.24
N ILE B 117 23.16 17.69 -1.11
CA ILE B 117 23.46 17.65 -2.54
C ILE B 117 23.09 18.99 -3.16
N LYS B 118 24.00 19.58 -3.93
CA LYS B 118 23.68 20.83 -4.60
C LYS B 118 22.58 20.61 -5.65
N GLY B 119 21.66 21.57 -5.72
CA GLY B 119 20.57 21.45 -6.68
C GLY B 119 21.09 21.27 -8.10
N GLU B 120 22.14 21.99 -8.46
CA GLU B 120 22.72 21.88 -9.79
C GLU B 120 23.21 20.46 -10.06
N GLU B 121 23.75 19.82 -9.03
CA GLU B 121 24.26 18.46 -9.19
C GLU B 121 23.12 17.44 -9.25
N TYR B 122 22.08 17.62 -8.44
CA TYR B 122 20.89 16.78 -8.57
C TYR B 122 20.33 16.85 -9.97
N ASP B 123 20.15 18.08 -10.48
CA ASP B 123 19.57 18.25 -11.81
C ASP B 123 20.46 17.64 -12.88
N ALA B 124 21.78 17.86 -12.79
CA ALA B 124 22.68 17.22 -13.75
C ALA B 124 22.56 15.70 -13.69
N ALA B 125 22.50 15.14 -12.48
CA ALA B 125 22.38 13.69 -12.38
C ALA B 125 21.03 13.24 -12.92
N TRP B 126 19.98 13.96 -12.58
CA TRP B 126 18.63 13.59 -13.03
C TRP B 126 18.56 13.46 -14.54
N ASN B 127 19.26 14.33 -15.27
CA ASN B 127 19.21 14.39 -16.71
C ASN B 127 20.33 13.60 -17.38
N SER B 128 21.11 12.86 -16.62
CA SER B 128 22.31 12.19 -17.11
C SER B 128 21.97 10.89 -17.83
N PHE B 129 22.89 10.46 -18.69
CA PHE B 129 22.73 9.18 -19.35
C PHE B 129 22.84 8.02 -18.35
N VAL B 130 23.70 8.16 -17.33
CA VAL B 130 23.79 7.15 -16.29
C VAL B 130 22.43 6.91 -15.65
N VAL B 131 21.71 7.97 -15.33
CA VAL B 131 20.41 7.83 -14.67
C VAL B 131 19.37 7.29 -15.66
N LYS B 132 19.43 7.74 -16.91
CA LYS B 132 18.56 7.17 -17.94
C LYS B 132 18.71 5.65 -18.03
N SER B 133 19.96 5.17 -18.02
CA SER B 133 20.19 3.74 -18.12
C SER B 133 19.76 3.01 -16.85
N LEU B 134 19.98 3.63 -15.69
CA LEU B 134 19.55 3.02 -14.43
C LEU B 134 18.04 2.91 -14.35
N VAL B 135 17.30 3.89 -14.89
CA VAL B 135 15.85 3.76 -14.91
C VAL B 135 15.43 2.57 -15.77
N ALA B 136 16.01 2.48 -16.97
CA ALA B 136 15.70 1.36 -17.85
C ALA B 136 16.11 0.03 -17.24
N GLN B 137 17.28 0.00 -16.56
CA GLN B 137 17.72 -1.22 -15.88
C GLN B 137 16.75 -1.65 -14.81
N GLN B 138 16.26 -0.70 -14.00
CA GLN B 138 15.30 -1.07 -12.97
C GLN B 138 14.01 -1.60 -13.59
N GLU B 139 13.56 -0.98 -14.68
CA GLU B 139 12.31 -1.39 -15.31
C GLU B 139 12.47 -2.76 -15.96
N LYS B 140 13.60 -3.02 -16.61
CA LYS B 140 13.84 -4.31 -17.25
C LYS B 140 13.95 -5.42 -16.21
N ALA B 141 14.63 -5.16 -15.09
CA ALA B 141 14.75 -6.19 -14.06
C ALA B 141 13.38 -6.63 -13.57
N ALA B 142 12.48 -5.66 -13.30
CA ALA B 142 11.14 -6.01 -12.85
C ALA B 142 10.39 -6.80 -13.92
N ALA B 143 10.47 -6.37 -15.18
CA ALA B 143 9.79 -7.11 -16.25
C ALA B 143 10.35 -8.51 -16.37
N ASP B 144 11.66 -8.66 -16.21
CA ASP B 144 12.33 -9.95 -16.40
C ASP B 144 11.83 -11.00 -15.43
N VAL B 145 11.40 -10.59 -14.23
CA VAL B 145 10.92 -11.54 -13.24
C VAL B 145 9.40 -11.51 -13.13
N GLN B 146 8.73 -10.86 -14.07
CA GLN B 146 7.28 -10.65 -14.04
C GLN B 146 6.83 -10.19 -12.65
N LEU B 147 7.44 -9.09 -12.19
CA LEU B 147 7.20 -8.60 -10.84
C LEU B 147 5.77 -8.11 -10.68
N ARG B 148 5.07 -8.66 -9.69
CA ARG B 148 3.69 -8.28 -9.46
C ARG B 148 3.48 -7.47 -8.19
N GLY B 149 4.47 -7.42 -7.30
CA GLY B 149 4.30 -6.71 -6.05
C GLY B 149 5.63 -6.54 -5.34
N VAL B 150 5.62 -5.62 -4.38
CA VAL B 150 6.77 -5.38 -3.50
C VAL B 150 6.28 -5.43 -2.07
N PRO B 151 7.16 -5.75 -1.11
CA PRO B 151 8.58 -6.07 -1.26
C PRO B 151 8.81 -7.40 -1.98
N ALA B 152 9.99 -7.54 -2.56
CA ALA B 152 10.39 -8.79 -3.22
C ALA B 152 11.90 -8.88 -3.19
N MET B 153 12.42 -10.10 -3.03
CA MET B 153 13.82 -10.41 -3.17
C MET B 153 14.01 -11.62 -4.07
N PHE B 154 15.02 -11.55 -4.94
CA PHE B 154 15.37 -12.64 -5.84
C PHE B 154 16.84 -12.97 -5.70
N VAL B 155 17.18 -14.27 -5.80
CA VAL B 155 18.55 -14.73 -5.67
C VAL B 155 18.96 -15.35 -7.00
N ASN B 156 20.03 -14.81 -7.61
CA ASN B 156 20.62 -15.32 -8.85
C ASN B 156 19.62 -15.46 -9.98
N GLY B 157 18.58 -14.62 -9.98
CA GLY B 157 17.56 -14.68 -11.01
C GLY B 157 16.78 -15.97 -11.05
N LYS B 158 16.90 -16.79 -10.00
CA LYS B 158 16.34 -18.13 -10.00
C LYS B 158 15.29 -18.37 -8.92
N TYR B 159 15.44 -17.75 -7.75
CA TYR B 159 14.56 -18.03 -6.61
C TYR B 159 13.99 -16.73 -6.09
N GLN B 160 12.71 -16.77 -5.69
CA GLN B 160 12.06 -15.63 -5.07
C GLN B 160 11.85 -15.96 -3.60
N LEU B 161 12.23 -15.01 -2.73
CA LEU B 161 12.02 -15.22 -1.31
C LEU B 161 10.53 -15.29 -1.04
N ASN B 162 10.13 -16.15 -0.10
CA ASN B 162 8.72 -16.32 0.25
C ASN B 162 8.50 -16.12 1.74
N PRO B 163 8.53 -14.88 2.23
CA PRO B 163 8.38 -14.67 3.68
C PRO B 163 7.03 -15.12 4.21
N GLN B 164 5.99 -15.16 3.37
CA GLN B 164 4.70 -15.63 3.85
C GLN B 164 4.75 -17.10 4.24
N GLY B 165 5.72 -17.86 3.73
CA GLY B 165 5.83 -19.24 4.15
C GLY B 165 6.79 -19.48 5.29
N MET B 166 7.25 -18.42 5.95
CA MET B 166 8.25 -18.44 7.00
C MET B 166 7.55 -18.32 8.35
N ASP B 167 8.33 -18.44 9.42
CA ASP B 167 7.76 -18.28 10.75
C ASP B 167 7.36 -16.83 10.92
N THR B 168 6.07 -16.56 11.03
CA THR B 168 5.62 -15.19 11.17
C THR B 168 5.22 -14.85 12.60
N SER B 169 5.40 -15.79 13.54
CA SER B 169 5.02 -15.60 14.94
C SER B 169 6.10 -14.94 15.79
N ASN B 170 7.37 -15.12 15.47
CA ASN B 170 8.47 -14.59 16.27
C ASN B 170 9.35 -13.79 15.31
N MET B 171 9.44 -12.48 15.53
CA MET B 171 10.06 -11.62 14.53
C MET B 171 11.56 -11.82 14.48
N ASP B 172 12.20 -12.04 15.63
CA ASP B 172 13.65 -12.23 15.62
C ASP B 172 14.03 -13.52 14.91
N VAL B 173 13.24 -14.58 15.12
CA VAL B 173 13.48 -15.82 14.39
C VAL B 173 13.15 -15.64 12.91
N PHE B 174 12.07 -14.91 12.59
CA PHE B 174 11.71 -14.68 11.19
C PHE B 174 12.83 -13.97 10.45
N VAL B 175 13.37 -12.91 11.05
CA VAL B 175 14.39 -12.11 10.38
C VAL B 175 15.62 -12.97 10.07
N GLN B 176 16.02 -13.84 11.00
CA GLN B 176 17.19 -14.68 10.73
C GLN B 176 16.84 -15.82 9.78
N GLN B 177 15.60 -16.31 9.81
CA GLN B 177 15.18 -17.30 8.83
C GLN B 177 15.24 -16.71 7.42
N TYR B 178 14.78 -15.48 7.26
CA TYR B 178 14.87 -14.80 5.96
C TYR B 178 16.33 -14.68 5.53
N ALA B 179 17.19 -14.20 6.43
CA ALA B 179 18.60 -14.02 6.09
C ALA B 179 19.26 -15.36 5.75
N ASP B 180 18.98 -16.40 6.55
CA ASP B 180 19.55 -17.71 6.31
C ASP B 180 19.06 -18.29 4.99
N THR B 181 17.81 -18.01 4.61
CA THR B 181 17.31 -18.49 3.32
C THR B 181 18.07 -17.84 2.18
N VAL B 182 18.34 -16.54 2.29
CA VAL B 182 19.08 -15.87 1.22
C VAL B 182 20.47 -16.49 1.10
N LYS B 183 21.14 -16.68 2.23
CA LYS B 183 22.48 -17.30 2.23
C LYS B 183 22.44 -18.69 1.61
N TYR B 184 21.48 -19.51 2.03
CA TYR B 184 21.32 -20.86 1.47
C TYR B 184 21.11 -20.83 -0.03
N LEU B 185 20.20 -19.96 -0.51
CA LEU B 185 19.93 -19.91 -1.94
C LEU B 185 21.14 -19.43 -2.72
N SER B 186 21.91 -18.50 -2.16
CA SER B 186 23.07 -17.99 -2.89
C SER B 186 24.14 -19.06 -3.06
N GLU B 187 24.15 -20.06 -2.18
CA GLU B 187 25.08 -21.18 -2.22
C GLU B 187 24.56 -22.35 -3.05
N LYS B 188 23.32 -22.28 -3.53
CA LYS B 188 22.67 -23.35 -4.28
C LYS B 188 23.18 -23.44 -5.71
#